data_2ZMV
#
_entry.id   2ZMV
#
_cell.length_a   124.391
_cell.length_b   124.391
_cell.length_c   124.391
_cell.angle_alpha   90.000
_cell.angle_beta   90.000
_cell.angle_gamma   90.000
#
_symmetry.space_group_name_H-M   'P 21 3'
#
_entity_poly.entity_id   1
_entity_poly.type   'polypeptide(L)'
_entity_poly.pdbx_seq_one_letter_code
;MAIFSVYVVNKAGGLIYQLDSYAPRAEAEKTFSYPLDLLLKLHDERVLVAFGQRDGIRVGHAVLAINGMDVNGRYTADGK
EVLEYLGNPANYPVSIRFGRPRLTSNEKLMLASMFHSLFAIGSQLSPEQGSSGIEMLETDTFKLHCYQTLTGIKFVVLAD
PRQAGIDSLLRKIYEIYSDFALKNPFYSLEMPIRCELFDQNLKLALEVAEKAGTFGPGSLEHHHHHH
;
_entity_poly.pdbx_strand_id   A,B
#
# COMPACT_ATOMS: atom_id res chain seq x y z
N ALA A 2 5.56 -24.11 7.91
CA ALA A 2 4.45 -23.15 8.15
C ALA A 2 3.73 -22.84 6.85
N ILE A 3 2.44 -22.47 6.96
CA ILE A 3 1.64 -22.05 5.83
C ILE A 3 1.24 -20.58 6.01
N PHE A 4 1.59 -19.76 5.03
CA PHE A 4 1.43 -18.32 5.16
C PHE A 4 0.15 -17.80 4.54
N SER A 5 -0.35 -18.51 3.54
CA SER A 5 -1.51 -18.05 2.79
C SER A 5 -2.10 -19.16 1.95
N VAL A 6 -3.43 -19.17 1.88
CA VAL A 6 -4.16 -20.04 0.96
C VAL A 6 -5.08 -19.14 0.16
N TYR A 7 -4.95 -19.18 -1.16
CA TYR A 7 -5.83 -18.35 -2.00
C TYR A 7 -6.18 -18.98 -3.33
N VAL A 8 -7.24 -18.46 -3.94
CA VAL A 8 -7.81 -19.03 -5.14
C VAL A 8 -7.80 -17.94 -6.19
N VAL A 9 -7.15 -18.22 -7.32
CA VAL A 9 -7.03 -17.26 -8.40
C VAL A 9 -7.86 -17.71 -9.59
N ASN A 10 -8.58 -16.79 -10.24
CA ASN A 10 -9.41 -17.20 -11.37
C ASN A 10 -8.61 -17.29 -12.65
N LYS A 11 -9.22 -17.85 -13.70
CA LYS A 11 -8.55 -18.04 -14.98
C LYS A 11 -7.86 -16.77 -15.49
N ALA A 12 -8.51 -15.62 -15.34
CA ALA A 12 -7.93 -14.35 -15.80
C ALA A 12 -6.79 -13.83 -14.92
N GLY A 13 -6.46 -14.55 -13.85
CA GLY A 13 -5.38 -14.14 -12.96
C GLY A 13 -5.74 -13.18 -11.84
N GLY A 14 -7.04 -13.04 -11.55
CA GLY A 14 -7.49 -12.15 -10.48
C GLY A 14 -7.90 -12.92 -9.24
N LEU A 15 -7.73 -12.31 -8.07
CA LEU A 15 -8.01 -12.97 -6.79
C LEU A 15 -9.50 -13.18 -6.56
N ILE A 16 -9.91 -14.39 -6.23
CA ILE A 16 -11.33 -14.62 -5.92
C ILE A 16 -11.62 -15.12 -4.50
N TYR A 17 -10.59 -15.55 -3.79
CA TYR A 17 -10.71 -15.97 -2.38
C TYR A 17 -9.33 -15.97 -1.74
N GLN A 18 -9.24 -15.51 -0.49
CA GLN A 18 -7.96 -15.59 0.23
C GLN A 18 -8.14 -15.91 1.72
N LEU A 19 -7.15 -16.58 2.30
CA LEU A 19 -7.06 -16.79 3.75
C LEU A 19 -5.62 -16.64 4.23
N ASP A 20 -5.35 -15.53 4.91
CA ASP A 20 -3.98 -15.19 5.32
C ASP A 20 -3.66 -15.63 6.73
N SER A 21 -2.40 -16.03 6.92
CA SER A 21 -1.85 -16.31 8.24
C SER A 21 -0.38 -15.92 8.27
N TYR A 22 -0.10 -14.65 7.99
CA TYR A 22 1.27 -14.13 7.88
C TYR A 22 1.99 -13.99 9.23
N ALA A 23 1.23 -13.77 10.29
CA ALA A 23 1.79 -13.68 11.63
C ALA A 23 2.34 -15.04 12.08
N PRO A 24 3.65 -15.09 12.38
CA PRO A 24 4.30 -16.36 12.70
C PRO A 24 4.03 -16.82 14.13
N ARG A 25 4.43 -18.05 14.43
CA ARG A 25 4.52 -18.54 15.80
C ARG A 25 5.98 -18.50 16.23
N ALA A 26 6.23 -18.16 17.49
CA ALA A 26 7.58 -18.12 18.03
C ALA A 26 8.22 -19.51 18.03
N GLU A 27 9.48 -19.57 17.62
CA GLU A 27 10.22 -20.83 17.55
C GLU A 27 11.03 -21.10 18.81
N ALA A 28 11.75 -20.07 19.28
CA ALA A 28 12.63 -20.19 20.44
C ALA A 28 12.29 -19.15 21.53
N GLU A 29 12.48 -19.53 22.78
CA GLU A 29 12.27 -18.64 23.92
C GLU A 29 13.33 -18.88 24.98
N LYS A 30 14.21 -17.90 25.17
CA LYS A 30 15.31 -18.00 26.14
C LYS A 30 15.38 -16.78 27.04
N THR A 31 15.60 -17.09 28.44
CA THR A 31 15.76 -15.92 29.30
C THR A 31 17.22 -15.48 29.33
N PHE A 32 17.40 -14.14 29.23
CA PHE A 32 18.73 -13.55 29.12
C PHE A 32 19.10 -12.73 30.36
N SER A 33 20.38 -12.83 30.76
CA SER A 33 20.93 -12.03 31.85
C SER A 33 22.05 -11.15 31.32
N TYR A 34 21.70 -9.93 30.92
CA TYR A 34 22.62 -8.98 30.30
C TYR A 34 23.83 -8.61 31.18
N PRO A 35 24.99 -8.30 30.56
CA PRO A 35 25.33 -8.14 29.13
C PRO A 35 24.73 -9.21 28.21
N LEU A 36 23.96 -8.75 27.23
CA LEU A 36 23.18 -9.64 26.34
C LEU A 36 24.05 -10.41 25.35
N ASP A 37 24.03 -11.73 25.49
CA ASP A 37 24.88 -12.62 24.69
C ASP A 37 24.34 -12.86 23.28
N LEU A 38 23.69 -11.84 22.71
CA LEU A 38 23.14 -11.89 21.35
C LEU A 38 23.16 -10.50 20.72
N LEU A 39 23.64 -10.41 19.49
CA LEU A 39 23.83 -9.13 18.80
C LEU A 39 22.71 -8.87 17.79
N LEU A 40 22.12 -7.69 17.88
CA LEU A 40 20.94 -7.36 17.10
C LEU A 40 21.13 -6.15 16.21
N LYS A 41 20.47 -6.16 15.05
CA LYS A 41 20.52 -5.07 14.07
C LYS A 41 19.15 -4.78 13.48
N LEU A 42 18.88 -3.50 13.22
CA LEU A 42 17.68 -3.08 12.51
C LEU A 42 17.79 -3.37 11.02
N HIS A 43 16.77 -4.04 10.47
CA HIS A 43 16.71 -4.39 9.06
C HIS A 43 15.28 -4.19 8.54
N ASP A 44 15.06 -3.10 7.83
CA ASP A 44 13.73 -2.82 7.41
C ASP A 44 12.82 -3.04 8.59
N GLU A 45 12.96 -2.16 9.55
CA GLU A 45 12.06 -2.12 10.73
C GLU A 45 11.77 -3.50 11.34
N ARG A 46 12.74 -4.40 11.24
CA ARG A 46 12.72 -5.68 11.94
C ARG A 46 14.02 -5.80 12.74
N VAL A 47 13.91 -6.24 13.98
CA VAL A 47 15.09 -6.49 14.80
C VAL A 47 15.54 -7.94 14.57
N LEU A 48 16.64 -8.10 13.84
CA LEU A 48 17.16 -9.43 13.50
C LEU A 48 18.38 -9.78 14.33
N VAL A 49 18.57 -11.09 14.55
CA VAL A 49 19.77 -11.61 15.19
C VAL A 49 20.86 -11.73 14.13
N ALA A 50 21.97 -11.01 14.35
CA ALA A 50 23.07 -11.01 13.41
C ALA A 50 24.08 -12.12 13.73
N PHE A 51 24.50 -12.19 14.98
CA PHE A 51 25.54 -13.13 15.40
C PHE A 51 25.09 -13.97 16.59
N GLY A 52 25.93 -14.94 16.98
CA GLY A 52 25.72 -15.74 18.18
C GLY A 52 24.54 -16.68 18.10
N GLN A 53 24.68 -17.74 17.31
CA GLN A 53 23.67 -18.78 17.23
C GLN A 53 23.79 -19.73 18.42
N ARG A 54 23.21 -19.32 19.56
CA ARG A 54 23.23 -20.12 20.78
C ARG A 54 22.17 -21.22 20.74
N ASP A 55 22.34 -22.23 21.59
CA ASP A 55 21.46 -23.40 21.61
C ASP A 55 19.96 -23.03 21.63
N GLY A 56 19.36 -23.09 20.44
CA GLY A 56 17.95 -22.74 20.25
C GLY A 56 17.74 -21.76 19.12
N ILE A 57 18.28 -20.55 19.29
CA ILE A 57 18.10 -19.45 18.34
C ILE A 57 19.05 -19.58 17.14
N ARG A 58 18.73 -18.89 16.05
CA ARG A 58 19.52 -18.93 14.83
C ARG A 58 19.78 -17.54 14.24
N VAL A 59 20.99 -17.34 13.70
CA VAL A 59 21.36 -16.09 13.02
C VAL A 59 20.45 -15.84 11.81
N GLY A 60 19.51 -14.91 11.98
CA GLY A 60 18.52 -14.62 10.96
C GLY A 60 17.11 -14.53 11.54
N HIS A 61 16.90 -15.13 12.72
CA HIS A 61 15.65 -15.00 13.45
C HIS A 61 15.42 -13.55 13.89
N ALA A 62 14.15 -13.16 13.98
CA ALA A 62 13.78 -11.83 14.44
C ALA A 62 13.26 -11.85 15.86
N VAL A 63 13.42 -10.72 16.56
CA VAL A 63 12.86 -10.56 17.91
C VAL A 63 11.36 -10.33 17.78
N LEU A 64 10.58 -11.34 18.18
CA LEU A 64 9.14 -11.31 17.98
C LEU A 64 8.40 -10.68 19.17
N ALA A 65 8.75 -11.11 20.37
CA ALA A 65 8.11 -10.61 21.60
C ALA A 65 9.15 -10.24 22.66
N ILE A 66 8.77 -9.34 23.56
CA ILE A 66 9.61 -8.95 24.69
C ILE A 66 8.89 -9.29 26.00
N ASN A 67 9.51 -10.17 26.79
CA ASN A 67 8.92 -10.75 28.02
C ASN A 67 7.40 -11.03 27.98
N GLY A 68 6.95 -11.60 26.86
CA GLY A 68 5.55 -12.01 26.68
C GLY A 68 4.69 -11.07 25.84
N MET A 69 5.05 -9.75 25.92
CA MET A 69 4.23 -8.73 25.23
C MET A 69 4.59 -8.55 23.75
N ASP A 70 3.57 -8.21 22.95
CA ASP A 70 3.70 -8.06 21.50
C ASP A 70 4.40 -6.76 21.12
N VAL A 71 5.47 -6.88 20.31
CA VAL A 71 6.20 -5.72 19.82
C VAL A 71 6.07 -5.58 18.29
N ASN A 72 5.74 -4.38 17.84
CA ASN A 72 5.53 -4.11 16.41
C ASN A 72 6.59 -3.17 15.85
N GLY A 73 7.15 -3.55 14.69
CA GLY A 73 8.18 -2.75 14.02
C GLY A 73 9.51 -2.77 14.75
N ARG A 74 9.87 -1.62 15.33
CA ARG A 74 11.10 -1.50 16.11
C ARG A 74 10.85 -0.96 17.53
N TYR A 75 9.58 -0.81 17.89
CA TYR A 75 9.19 -0.30 19.20
C TYR A 75 8.44 -1.37 20.02
N THR A 76 8.53 -1.25 21.35
CA THR A 76 7.90 -2.20 22.27
C THR A 76 6.38 -2.03 22.37
N ALA A 77 5.74 -2.88 23.17
CA ALA A 77 4.31 -2.76 23.48
C ALA A 77 4.00 -1.42 24.15
N ASP A 78 4.95 -0.92 24.92
CA ASP A 78 4.84 0.40 25.56
C ASP A 78 5.07 1.52 24.54
N GLY A 79 6.20 1.47 23.85
CA GLY A 79 6.54 2.47 22.84
C GLY A 79 7.96 3.02 22.93
N LYS A 80 8.87 2.20 23.44
CA LYS A 80 10.29 2.54 23.48
C LYS A 80 11.06 1.69 22.48
N GLU A 81 12.15 2.24 21.96
CA GLU A 81 12.95 1.54 20.95
C GLU A 81 13.67 0.31 21.51
N VAL A 82 13.57 -0.81 20.77
CA VAL A 82 14.14 -2.09 21.17
C VAL A 82 15.61 -1.98 21.60
N LEU A 83 16.44 -1.41 20.73
CA LEU A 83 17.87 -1.25 20.99
C LEU A 83 18.13 -0.30 22.17
N GLU A 84 17.36 0.80 22.23
CA GLU A 84 17.51 1.80 23.28
C GLU A 84 16.81 1.40 24.57
N TYR A 85 16.71 0.09 24.81
CA TYR A 85 16.04 -0.44 25.99
C TYR A 85 16.68 -1.73 26.49
N LEU A 86 17.71 -2.20 25.78
CA LEU A 86 18.39 -3.44 26.13
C LEU A 86 19.76 -3.22 26.79
N GLY A 87 20.38 -2.23 26.44
CA GLY A 87 21.59 -1.82 27.17
C GLY A 87 21.25 -0.86 28.29
N ASN A 88 20.20 -1.20 29.04
CA ASN A 88 19.63 -0.33 30.06
C ASN A 88 20.06 -0.70 31.49
N PRO A 89 20.67 0.25 32.21
CA PRO A 89 21.12 0.04 33.60
C PRO A 89 19.99 -0.30 34.57
N ALA A 90 18.77 0.15 34.26
CA ALA A 90 17.60 -0.13 35.09
C ALA A 90 16.89 -1.41 34.65
N ASN A 91 16.94 -1.51 33.44
CA ASN A 91 16.35 -2.71 32.88
C ASN A 91 17.38 -3.60 32.18
N TYR A 92 17.55 -4.82 32.75
CA TYR A 92 18.48 -5.81 32.18
C TYR A 92 17.92 -7.23 32.09
N PRO A 93 17.39 -7.79 33.19
CA PRO A 93 16.86 -9.16 33.11
C PRO A 93 15.54 -9.25 32.32
N VAL A 94 15.60 -9.87 31.14
CA VAL A 94 14.44 -9.97 30.25
C VAL A 94 14.43 -11.24 29.39
N SER A 95 13.23 -11.81 29.21
CA SER A 95 13.04 -12.98 28.34
C SER A 95 12.59 -12.53 26.94
N ILE A 96 13.04 -13.25 25.91
CA ILE A 96 12.74 -12.87 24.52
C ILE A 96 12.37 -14.05 23.63
N ARG A 97 11.33 -13.85 22.81
CA ARG A 97 10.88 -14.86 21.85
C ARG A 97 11.46 -14.59 20.46
N PHE A 98 11.93 -15.65 19.80
CA PHE A 98 12.55 -15.55 18.48
C PHE A 98 11.96 -16.55 17.49
N GLY A 99 12.11 -16.24 16.20
CA GLY A 99 11.60 -17.08 15.13
C GLY A 99 11.59 -16.35 13.79
N ARG A 100 11.03 -16.99 12.76
CA ARG A 100 10.92 -16.39 11.44
C ARG A 100 10.18 -15.05 11.53
N PRO A 101 10.74 -13.99 10.89
CA PRO A 101 10.09 -12.67 10.87
C PRO A 101 8.81 -12.71 10.07
N ARG A 102 7.93 -11.72 10.24
CA ARG A 102 6.72 -11.63 9.40
C ARG A 102 7.15 -11.42 7.95
N LEU A 103 6.33 -11.92 7.03
CA LEU A 103 6.59 -11.80 5.60
C LEU A 103 6.72 -10.34 5.14
N THR A 104 7.78 -10.03 4.40
CA THR A 104 8.04 -8.65 3.99
C THR A 104 7.44 -8.30 2.63
N SER A 105 7.45 -7.02 2.29
CA SER A 105 6.96 -6.57 0.99
C SER A 105 7.82 -7.07 -0.15
N ASN A 106 9.14 -6.89 -0.02
CA ASN A 106 10.10 -7.31 -1.04
C ASN A 106 9.95 -8.78 -1.38
N GLU A 107 9.87 -9.60 -0.35
CA GLU A 107 9.64 -11.03 -0.50
C GLU A 107 8.34 -11.29 -1.25
N LYS A 108 7.25 -10.71 -0.78
CA LYS A 108 5.97 -10.81 -1.48
C LYS A 108 6.14 -10.41 -2.95
N LEU A 109 6.82 -9.30 -3.19
CA LEU A 109 7.01 -8.80 -4.54
C LEU A 109 7.82 -9.75 -5.41
N MET A 110 8.84 -10.36 -4.83
CA MET A 110 9.68 -11.37 -5.48
C MET A 110 8.88 -12.60 -5.94
N LEU A 111 8.03 -13.13 -5.06
CA LEU A 111 7.17 -14.24 -5.38
C LEU A 111 6.14 -13.86 -6.42
N ALA A 112 5.60 -12.64 -6.26
CA ALA A 112 4.60 -12.12 -7.20
C ALA A 112 5.21 -12.12 -8.59
N SER A 113 6.46 -11.73 -8.66
CA SER A 113 7.17 -11.63 -9.92
C SER A 113 7.40 -13.00 -10.55
N MET A 114 7.59 -14.02 -9.72
CA MET A 114 7.69 -15.40 -10.23
C MET A 114 6.32 -15.91 -10.66
N PHE A 115 5.33 -15.72 -9.79
CA PHE A 115 4.00 -16.22 -10.05
C PHE A 115 3.38 -15.60 -11.29
N HIS A 116 3.47 -14.27 -11.39
CA HIS A 116 3.02 -13.56 -12.58
C HIS A 116 3.67 -14.12 -13.84
N SER A 117 4.99 -14.35 -13.79
CA SER A 117 5.69 -14.90 -14.93
C SER A 117 5.21 -16.31 -15.30
N LEU A 118 4.92 -17.11 -14.27
CA LEU A 118 4.43 -18.45 -14.52
C LEU A 118 3.08 -18.33 -15.23
N PHE A 119 2.24 -17.44 -14.73
CA PHE A 119 0.92 -17.21 -15.27
C PHE A 119 0.98 -16.82 -16.74
N ALA A 120 1.94 -15.98 -17.11
CA ALA A 120 2.04 -15.42 -18.46
C ALA A 120 2.70 -16.38 -19.46
N ILE A 121 3.76 -17.05 -19.02
CA ILE A 121 4.48 -18.00 -19.88
C ILE A 121 3.69 -19.30 -20.04
N GLY A 122 2.92 -19.65 -19.02
CA GLY A 122 2.07 -20.84 -18.99
C GLY A 122 1.43 -21.18 -20.33
N SER A 123 1.75 -22.37 -20.84
CA SER A 123 1.35 -22.81 -22.17
C SER A 123 1.27 -24.34 -22.25
N GLY A 133 -2.27 -31.06 -12.92
CA GLY A 133 -0.90 -30.88 -12.43
C GLY A 133 -0.73 -29.85 -11.32
N ILE A 134 0.28 -30.07 -10.49
CA ILE A 134 0.72 -29.11 -9.48
C ILE A 134 2.11 -28.59 -9.87
N GLU A 135 2.26 -27.27 -9.86
CA GLU A 135 3.52 -26.62 -10.15
C GLU A 135 3.92 -25.80 -8.94
N MET A 136 5.21 -25.80 -8.65
CA MET A 136 5.74 -25.16 -7.45
C MET A 136 6.86 -24.19 -7.77
N LEU A 137 6.79 -23.00 -7.19
CA LEU A 137 7.87 -22.02 -7.30
C LEU A 137 8.54 -21.96 -5.94
N GLU A 138 9.87 -21.98 -5.94
CA GLU A 138 10.62 -22.03 -4.69
C GLU A 138 11.75 -21.01 -4.59
N THR A 139 11.99 -20.53 -3.38
CA THR A 139 13.16 -19.72 -3.06
C THR A 139 13.83 -20.33 -1.82
N ASP A 140 14.78 -19.63 -1.22
CA ASP A 140 15.47 -20.14 -0.03
C ASP A 140 14.49 -20.27 1.13
N THR A 141 13.58 -19.31 1.20
CA THR A 141 12.68 -19.15 2.34
C THR A 141 11.19 -19.36 2.01
N PHE A 142 10.88 -19.53 0.73
CA PHE A 142 9.48 -19.67 0.30
C PHE A 142 9.27 -20.75 -0.75
N LYS A 143 8.07 -21.33 -0.73
CA LYS A 143 7.67 -22.29 -1.74
C LYS A 143 6.19 -22.08 -2.03
N LEU A 144 5.89 -21.72 -3.27
CA LEU A 144 4.51 -21.45 -3.67
C LEU A 144 3.99 -22.64 -4.46
N HIS A 145 2.86 -23.21 -4.01
CA HIS A 145 2.30 -24.40 -4.66
C HIS A 145 1.03 -24.01 -5.43
N CYS A 146 0.95 -24.40 -6.70
CA CYS A 146 -0.17 -23.97 -7.55
C CYS A 146 -0.80 -25.15 -8.26
N TYR A 147 -2.08 -25.39 -7.96
CA TYR A 147 -2.84 -26.43 -8.63
C TYR A 147 -3.80 -25.75 -9.60
N GLN A 148 -3.67 -26.06 -10.89
CA GLN A 148 -4.57 -25.47 -11.87
C GLN A 148 -5.55 -26.49 -12.40
N THR A 149 -6.83 -26.12 -12.40
CA THR A 149 -7.89 -26.99 -12.89
C THR A 149 -8.01 -26.89 -14.42
N LEU A 150 -8.74 -27.86 -14.98
CA LEU A 150 -9.07 -27.86 -16.40
C LEU A 150 -9.70 -26.53 -16.80
N THR A 151 -10.52 -26.02 -15.89
CA THR A 151 -11.28 -24.80 -16.09
C THR A 151 -10.45 -23.54 -15.85
N GLY A 152 -9.21 -23.71 -15.39
CA GLY A 152 -8.28 -22.60 -15.26
C GLY A 152 -8.27 -21.95 -13.89
N ILE A 153 -9.10 -22.48 -12.98
CA ILE A 153 -9.06 -22.04 -11.59
C ILE A 153 -7.77 -22.54 -10.94
N LYS A 154 -7.11 -21.65 -10.21
CA LYS A 154 -5.82 -21.92 -9.58
C LYS A 154 -5.95 -21.90 -8.06
N PHE A 155 -5.58 -23.00 -7.43
CA PHE A 155 -5.50 -22.99 -5.97
C PHE A 155 -4.04 -22.86 -5.57
N VAL A 156 -3.76 -21.83 -4.76
CA VAL A 156 -2.38 -21.51 -4.43
C VAL A 156 -2.18 -21.60 -2.93
N VAL A 157 -1.09 -22.27 -2.52
CA VAL A 157 -0.69 -22.30 -1.12
C VAL A 157 0.73 -21.77 -0.99
N LEU A 158 0.89 -20.73 -0.16
CA LEU A 158 2.21 -20.13 0.11
C LEU A 158 2.77 -20.65 1.43
N ALA A 159 3.99 -21.19 1.37
CA ALA A 159 4.57 -21.90 2.51
C ALA A 159 6.08 -21.76 2.55
N ASP A 160 6.70 -22.27 3.60
CA ASP A 160 8.16 -22.36 3.60
C ASP A 160 8.57 -23.65 2.87
N PRO A 161 9.81 -23.72 2.36
CA PRO A 161 10.32 -24.88 1.62
C PRO A 161 10.12 -26.26 2.26
N ARG A 162 9.90 -26.33 3.57
CA ARG A 162 9.89 -27.62 4.25
C ARG A 162 8.50 -28.14 4.62
N GLN A 163 7.49 -27.29 4.51
CA GLN A 163 6.14 -27.68 4.91
C GLN A 163 5.69 -28.87 4.09
N ALA A 164 5.18 -29.88 4.78
CA ALA A 164 4.75 -31.12 4.13
C ALA A 164 3.23 -31.14 3.97
N GLY A 165 2.73 -32.04 3.11
CA GLY A 165 1.29 -32.28 2.97
C GLY A 165 0.47 -31.18 2.31
N ILE A 166 1.14 -30.29 1.57
CA ILE A 166 0.45 -29.27 0.79
C ILE A 166 -0.27 -29.93 -0.39
N ASP A 167 0.38 -30.94 -0.95
CA ASP A 167 -0.18 -31.77 -2.02
C ASP A 167 -1.61 -32.22 -1.67
N SER A 168 -1.77 -32.81 -0.49
CA SER A 168 -3.08 -33.25 -0.02
C SER A 168 -4.00 -32.10 0.31
N LEU A 169 -3.45 -31.03 0.86
CA LEU A 169 -4.26 -29.84 1.12
C LEU A 169 -4.87 -29.29 -0.16
N LEU A 170 -4.07 -29.26 -1.23
CA LEU A 170 -4.50 -28.72 -2.50
C LEU A 170 -5.58 -29.58 -3.14
N ARG A 171 -5.44 -30.89 -2.99
CA ARG A 171 -6.46 -31.82 -3.49
C ARG A 171 -7.80 -31.63 -2.75
N LYS A 172 -7.72 -31.31 -1.45
CA LYS A 172 -8.91 -31.00 -0.67
C LYS A 172 -9.61 -29.72 -1.09
N ILE A 173 -8.85 -28.65 -1.27
CA ILE A 173 -9.42 -27.40 -1.72
C ILE A 173 -10.10 -27.63 -3.07
N TYR A 174 -9.45 -28.37 -3.96
CA TYR A 174 -10.09 -28.78 -5.20
C TYR A 174 -11.44 -29.44 -4.96
N GLU A 175 -11.52 -30.37 -4.01
CA GLU A 175 -12.79 -31.09 -3.73
C GLU A 175 -13.86 -30.14 -3.21
N ILE A 176 -13.45 -29.24 -2.32
CA ILE A 176 -14.37 -28.28 -1.70
C ILE A 176 -14.85 -27.25 -2.73
N TYR A 177 -13.94 -26.78 -3.59
CA TYR A 177 -14.30 -25.84 -4.65
C TYR A 177 -15.27 -26.51 -5.63
N SER A 178 -14.99 -27.77 -5.96
CA SER A 178 -15.86 -28.55 -6.84
C SER A 178 -17.27 -28.69 -6.28
N ASP A 179 -17.37 -28.95 -4.99
CA ASP A 179 -18.66 -29.02 -4.32
C ASP A 179 -19.38 -27.68 -4.44
N PHE A 180 -18.62 -26.59 -4.25
CA PHE A 180 -19.18 -25.25 -4.35
C PHE A 180 -19.66 -24.98 -5.77
N ALA A 181 -18.86 -25.37 -6.75
CA ALA A 181 -19.17 -25.08 -8.16
C ALA A 181 -20.36 -25.88 -8.67
N LEU A 182 -20.53 -27.10 -8.16
CA LEU A 182 -21.66 -27.95 -8.52
C LEU A 182 -22.98 -27.39 -7.97
N LYS A 183 -22.92 -26.81 -6.78
CA LYS A 183 -24.08 -26.29 -6.11
C LYS A 183 -24.39 -24.88 -6.57
N ASN A 184 -23.38 -24.21 -7.13
CA ASN A 184 -23.54 -22.86 -7.64
C ASN A 184 -23.04 -22.74 -9.08
N PRO A 185 -23.72 -23.42 -10.03
CA PRO A 185 -23.18 -23.55 -11.38
C PRO A 185 -23.15 -22.25 -12.18
N PHE A 186 -24.11 -21.36 -11.93
CA PHE A 186 -24.19 -20.08 -12.62
C PHE A 186 -23.60 -18.96 -11.76
N TYR A 187 -22.36 -19.17 -11.31
CA TYR A 187 -21.66 -18.18 -10.48
C TYR A 187 -20.57 -17.50 -11.29
N SER A 188 -20.65 -16.17 -11.36
CA SER A 188 -19.66 -15.35 -12.07
C SER A 188 -18.26 -15.64 -11.55
N LEU A 189 -17.40 -16.12 -12.44
CA LEU A 189 -16.04 -16.53 -12.08
C LEU A 189 -15.10 -15.35 -11.89
N GLU A 190 -15.53 -14.18 -12.35
CA GLU A 190 -14.80 -12.94 -12.10
C GLU A 190 -15.11 -12.41 -10.69
N MET A 191 -16.23 -12.86 -10.11
CA MET A 191 -16.63 -12.44 -8.77
C MET A 191 -15.93 -13.27 -7.70
N PRO A 192 -15.54 -12.63 -6.59
CA PRO A 192 -15.10 -13.31 -5.38
C PRO A 192 -16.07 -14.37 -4.90
N ILE A 193 -15.53 -15.39 -4.25
CA ILE A 193 -16.33 -16.45 -3.63
C ILE A 193 -16.85 -15.99 -2.26
N ARG A 194 -18.15 -15.70 -2.19
CA ARG A 194 -18.82 -15.39 -0.93
C ARG A 194 -19.67 -16.59 -0.54
N CYS A 195 -19.16 -17.40 0.38
CA CYS A 195 -19.83 -18.64 0.75
C CYS A 195 -19.29 -19.15 2.09
N GLU A 196 -20.12 -19.07 3.13
CA GLU A 196 -19.74 -19.50 4.48
C GLU A 196 -19.16 -20.93 4.50
N LEU A 197 -19.92 -21.89 3.98
CA LEU A 197 -19.48 -23.28 3.95
C LEU A 197 -18.14 -23.46 3.27
N PHE A 198 -17.90 -22.73 2.19
CA PHE A 198 -16.61 -22.77 1.52
C PHE A 198 -15.53 -22.33 2.50
N ASP A 199 -15.74 -21.13 3.06
CA ASP A 199 -14.81 -20.60 4.03
C ASP A 199 -14.59 -21.58 5.17
N GLN A 200 -15.67 -22.21 5.63
CA GLN A 200 -15.64 -23.15 6.74
C GLN A 200 -14.75 -24.35 6.41
N ASN A 201 -15.09 -25.04 5.33
CA ASN A 201 -14.41 -26.25 4.93
C ASN A 201 -12.94 -26.04 4.56
N LEU A 202 -12.62 -24.87 4.03
CA LEU A 202 -11.24 -24.58 3.67
C LEU A 202 -10.42 -24.37 4.94
N LYS A 203 -11.02 -23.69 5.92
CA LYS A 203 -10.38 -23.47 7.20
C LYS A 203 -10.06 -24.78 7.91
N LEU A 204 -11.00 -25.72 7.86
CA LEU A 204 -10.83 -27.04 8.46
C LEU A 204 -9.73 -27.83 7.74
N ALA A 205 -9.70 -27.70 6.41
CA ALA A 205 -8.70 -28.36 5.57
C ALA A 205 -7.28 -27.87 5.88
N LEU A 206 -7.16 -26.57 6.12
CA LEU A 206 -5.88 -25.95 6.50
C LEU A 206 -5.42 -26.42 7.87
N GLU A 207 -6.35 -26.55 8.81
CA GLU A 207 -6.05 -27.10 10.15
C GLU A 207 -5.41 -28.48 10.06
N VAL A 208 -5.99 -29.35 9.23
CA VAL A 208 -5.43 -30.69 9.02
C VAL A 208 -4.00 -30.63 8.50
N ALA A 209 -3.77 -29.79 7.49
CA ALA A 209 -2.44 -29.64 6.90
C ALA A 209 -1.44 -29.04 7.88
N GLU A 210 -1.92 -28.18 8.77
CA GLU A 210 -1.08 -27.55 9.80
C GLU A 210 -0.71 -28.50 10.94
N LYS A 211 -1.55 -29.50 11.18
CA LYS A 211 -1.26 -30.52 12.18
C LYS A 211 -0.30 -31.58 11.63
N ALA A 212 -0.39 -31.83 10.32
CA ALA A 212 0.41 -32.85 9.64
C ALA A 212 1.90 -32.80 9.96
N ALA B 2 -4.17 16.67 8.29
CA ALA B 2 -4.92 16.04 7.16
C ALA B 2 -3.96 15.53 6.09
N ILE B 3 -4.42 14.55 5.31
CA ILE B 3 -3.68 14.00 4.19
C ILE B 3 -4.43 14.35 2.90
N PHE B 4 -3.76 15.09 2.01
CA PHE B 4 -4.39 15.63 0.81
C PHE B 4 -4.47 14.63 -0.34
N SER B 5 -3.40 13.87 -0.55
CA SER B 5 -3.28 13.04 -1.75
C SER B 5 -2.33 11.84 -1.56
N VAL B 6 -2.65 10.74 -2.24
CA VAL B 6 -1.80 9.57 -2.30
C VAL B 6 -1.66 9.15 -3.75
N TYR B 7 -0.41 8.94 -4.19
CA TYR B 7 -0.19 8.37 -5.51
C TYR B 7 1.03 7.46 -5.58
N VAL B 8 1.06 6.63 -6.62
CA VAL B 8 2.09 5.61 -6.81
C VAL B 8 2.67 5.73 -8.22
N VAL B 9 3.99 5.75 -8.32
CA VAL B 9 4.68 5.85 -9.61
C VAL B 9 5.52 4.59 -9.86
N ASN B 10 5.41 4.02 -11.06
CA ASN B 10 6.19 2.84 -11.42
C ASN B 10 7.65 3.20 -11.67
N LYS B 11 8.52 2.19 -11.79
CA LYS B 11 9.95 2.48 -11.94
C LYS B 11 10.30 3.22 -13.23
N ALA B 12 9.35 3.33 -14.16
CA ALA B 12 9.60 4.01 -15.43
C ALA B 12 8.93 5.39 -15.49
N GLY B 13 8.54 5.89 -14.33
CA GLY B 13 7.92 7.21 -14.23
C GLY B 13 6.46 7.27 -14.66
N GLY B 14 5.80 6.12 -14.70
CA GLY B 14 4.38 6.07 -15.05
C GLY B 14 3.49 6.09 -13.83
N LEU B 15 2.49 6.96 -13.86
CA LEU B 15 1.51 7.05 -12.78
C LEU B 15 0.63 5.82 -12.81
N ILE B 16 0.50 5.17 -11.65
CA ILE B 16 0.00 3.81 -11.58
C ILE B 16 -1.20 3.73 -10.64
N TYR B 17 -1.35 4.76 -9.81
CA TYR B 17 -2.49 4.91 -8.91
C TYR B 17 -2.49 6.31 -8.33
N GLN B 18 -3.66 6.94 -8.26
CA GLN B 18 -3.77 8.24 -7.60
C GLN B 18 -5.12 8.39 -6.90
N LEU B 19 -5.08 8.92 -5.69
CA LEU B 19 -6.28 9.18 -4.90
C LEU B 19 -6.18 10.52 -4.22
N ASP B 20 -7.04 11.45 -4.62
CA ASP B 20 -7.12 12.73 -3.95
C ASP B 20 -8.06 12.62 -2.77
N SER B 21 -7.48 12.66 -1.58
CA SER B 21 -8.23 12.51 -0.33
C SER B 21 -9.00 13.80 -0.04
N TYR B 22 -8.33 14.80 0.49
CA TYR B 22 -8.93 16.13 0.66
C TYR B 22 -8.98 16.84 -0.69
N ALA B 23 -10.14 17.41 -1.02
CA ALA B 23 -10.37 18.03 -2.33
C ALA B 23 -11.00 19.43 -2.30
N PRO B 24 -11.94 19.68 -1.36
CA PRO B 24 -12.54 21.02 -1.33
C PRO B 24 -11.67 22.06 -0.59
N ARG B 25 -10.38 22.10 -0.91
CA ARG B 25 -9.45 23.06 -0.33
C ARG B 25 -9.65 24.46 -0.92
N ALA B 26 -10.72 25.12 -0.48
CA ALA B 26 -11.10 26.43 -0.98
C ALA B 26 -10.77 27.52 0.04
N GLU B 27 -11.45 28.66 -0.07
CA GLU B 27 -11.33 29.74 0.91
C GLU B 27 -12.68 30.36 1.24
N ALA B 28 -13.10 31.44 0.44
CA ALA B 28 -14.38 32.14 0.61
C ALA B 28 -14.82 32.87 -0.66
N GLU B 29 -16.17 33.05 -0.90
CA GLU B 29 -16.64 33.69 -2.09
C GLU B 29 -16.52 35.21 -1.92
N LYS B 30 -15.91 35.88 -2.90
CA LYS B 30 -15.64 37.32 -2.81
C LYS B 30 -16.22 38.11 -3.99
N THR B 31 -16.76 39.28 -3.69
CA THR B 31 -17.36 40.17 -4.69
C THR B 31 -16.30 41.05 -5.36
N PHE B 32 -16.43 41.24 -6.67
CA PHE B 32 -15.48 42.05 -7.44
C PHE B 32 -16.20 42.96 -8.44
N SER B 33 -15.96 44.25 -8.31
CA SER B 33 -16.53 45.24 -9.22
C SER B 33 -15.75 45.25 -10.53
N TYR B 34 -16.02 44.53 -11.75
CA TYR B 34 -15.59 44.50 -13.15
C TYR B 34 -15.80 45.84 -13.84
N PRO B 35 -14.87 46.06 -14.64
CA PRO B 35 -13.84 45.18 -15.23
C PRO B 35 -12.91 44.54 -14.20
N LEU B 36 -12.76 43.22 -14.29
CA LEU B 36 -11.94 42.44 -13.39
C LEU B 36 -10.46 42.85 -13.41
N ASP B 37 -9.93 43.17 -12.24
CA ASP B 37 -8.53 43.60 -12.13
C ASP B 37 -7.56 42.42 -12.03
N LEU B 38 -7.97 41.28 -12.59
CA LEU B 38 -7.12 40.09 -12.64
C LEU B 38 -7.10 39.48 -14.04
N LEU B 39 -5.96 38.91 -14.39
CA LEU B 39 -5.76 38.28 -15.68
C LEU B 39 -5.76 36.78 -15.47
N LEU B 40 -6.65 36.09 -16.19
CA LEU B 40 -6.91 34.68 -15.98
C LEU B 40 -6.49 33.86 -17.21
N LYS B 41 -5.99 32.65 -16.96
CA LYS B 41 -5.64 31.76 -18.06
C LYS B 41 -6.14 30.36 -17.80
N LEU B 42 -6.53 29.70 -18.87
CA LEU B 42 -6.87 28.30 -18.81
C LEU B 42 -5.59 27.49 -18.90
N HIS B 43 -5.29 26.77 -17.84
CA HIS B 43 -4.14 25.88 -17.82
C HIS B 43 -4.57 24.48 -17.41
N ASP B 44 -4.42 23.54 -18.36
CA ASP B 44 -4.75 22.14 -18.15
C ASP B 44 -6.15 21.95 -17.58
N GLU B 45 -7.15 22.49 -18.30
CA GLU B 45 -8.58 22.39 -17.93
C GLU B 45 -8.96 23.14 -16.65
N ARG B 46 -8.11 24.05 -16.18
CA ARG B 46 -8.36 24.80 -14.95
C ARG B 46 -8.16 26.29 -15.16
N VAL B 47 -9.03 27.10 -14.57
CA VAL B 47 -8.93 28.56 -14.71
C VAL B 47 -8.09 29.17 -13.57
N LEU B 48 -6.86 29.54 -13.90
CA LEU B 48 -5.90 30.04 -12.93
C LEU B 48 -5.75 31.57 -13.01
N VAL B 49 -5.33 32.18 -11.90
CA VAL B 49 -4.99 33.61 -11.89
C VAL B 49 -3.60 33.74 -12.50
N ALA B 50 -3.52 34.36 -13.66
CA ALA B 50 -2.24 34.54 -14.34
C ALA B 50 -1.48 35.72 -13.76
N PHE B 51 -2.16 36.86 -13.62
CA PHE B 51 -1.53 38.09 -13.13
C PHE B 51 -2.47 38.94 -12.29
N GLY B 52 -1.90 39.68 -11.34
CA GLY B 52 -2.67 40.50 -10.42
C GLY B 52 -2.63 39.88 -9.05
N GLN B 53 -2.30 40.69 -8.04
CA GLN B 53 -2.33 40.22 -6.67
C GLN B 53 -3.23 41.15 -5.86
N ARG B 54 -4.53 41.06 -6.14
CA ARG B 54 -5.55 41.80 -5.40
C ARG B 54 -5.62 41.32 -3.94
N ASP B 55 -6.20 42.13 -3.07
CA ASP B 55 -6.28 41.84 -1.65
C ASP B 55 -6.78 40.42 -1.34
N GLY B 56 -5.82 39.54 -1.04
CA GLY B 56 -6.10 38.13 -0.71
C GLY B 56 -5.66 37.13 -1.77
N ILE B 57 -5.68 37.53 -3.03
CA ILE B 57 -5.50 36.59 -4.14
C ILE B 57 -4.09 36.62 -4.73
N ARG B 58 -3.48 35.44 -4.82
CA ARG B 58 -2.18 35.27 -5.47
C ARG B 58 -2.36 34.77 -6.91
N VAL B 59 -1.31 34.92 -7.73
CA VAL B 59 -1.28 34.26 -9.03
C VAL B 59 -1.05 32.77 -8.74
N GLY B 60 -1.69 31.92 -9.53
CA GLY B 60 -1.67 30.47 -9.29
C GLY B 60 -2.93 29.95 -8.65
N HIS B 61 -3.70 30.84 -8.03
CA HIS B 61 -5.03 30.53 -7.50
C HIS B 61 -5.98 30.15 -8.63
N ALA B 62 -6.83 29.15 -8.37
CA ALA B 62 -7.82 28.70 -9.35
C ALA B 62 -9.21 29.18 -9.00
N VAL B 63 -10.07 29.27 -10.00
CA VAL B 63 -11.49 29.58 -9.78
C VAL B 63 -12.20 28.28 -9.49
N LEU B 64 -12.95 28.24 -8.40
CA LEU B 64 -13.59 27.01 -7.93
C LEU B 64 -15.12 27.05 -7.94
N ALA B 65 -15.66 28.27 -8.01
CA ALA B 65 -17.12 28.49 -8.07
C ALA B 65 -17.45 29.93 -8.44
N ILE B 66 -18.64 30.14 -9.00
CA ILE B 66 -19.15 31.48 -9.30
C ILE B 66 -20.59 31.59 -8.84
N ASN B 67 -20.84 32.51 -7.91
CA ASN B 67 -22.20 32.84 -7.42
C ASN B 67 -22.99 31.65 -6.83
N GLY B 68 -22.33 30.51 -6.71
CA GLY B 68 -23.00 29.26 -6.32
C GLY B 68 -22.71 28.17 -7.34
N MET B 69 -22.81 28.52 -8.61
CA MET B 69 -22.49 27.61 -9.72
C MET B 69 -21.03 27.18 -9.62
N ASP B 70 -20.81 26.03 -8.98
CA ASP B 70 -19.46 25.46 -8.86
C ASP B 70 -18.81 25.29 -10.23
N VAL B 71 -17.54 25.66 -10.31
CA VAL B 71 -16.80 25.57 -11.57
C VAL B 71 -16.43 24.12 -11.89
N ASN B 72 -17.04 23.60 -12.96
CA ASN B 72 -16.67 22.29 -13.49
C ASN B 72 -15.47 22.47 -14.41
N GLY B 73 -14.30 22.64 -13.81
CA GLY B 73 -13.06 22.88 -14.54
C GLY B 73 -13.09 24.23 -15.22
N ARG B 74 -13.31 24.22 -16.54
CA ARG B 74 -13.37 25.45 -17.33
C ARG B 74 -14.79 25.80 -17.77
N TYR B 75 -15.77 25.07 -17.23
CA TYR B 75 -17.19 25.34 -17.47
C TYR B 75 -17.87 25.70 -16.16
N THR B 76 -18.98 26.43 -16.25
CA THR B 76 -19.81 26.72 -15.09
C THR B 76 -20.80 25.58 -14.87
N ALA B 77 -21.56 25.65 -13.79
CA ALA B 77 -22.64 24.71 -13.54
C ALA B 77 -23.81 24.96 -14.51
N ASP B 78 -23.73 26.07 -15.25
CA ASP B 78 -24.71 26.41 -16.28
C ASP B 78 -24.27 25.90 -17.65
N GLY B 79 -23.10 25.24 -17.69
CA GLY B 79 -22.55 24.72 -18.94
C GLY B 79 -21.77 25.76 -19.73
N LYS B 80 -21.94 27.03 -19.37
CA LYS B 80 -21.29 28.14 -20.06
C LYS B 80 -19.79 28.21 -19.75
N GLU B 81 -19.02 28.68 -20.73
CA GLU B 81 -17.58 28.83 -20.57
C GLU B 81 -17.23 30.01 -19.67
N VAL B 82 -16.30 29.78 -18.74
CA VAL B 82 -15.99 30.74 -17.66
C VAL B 82 -15.24 31.99 -18.12
N LEU B 83 -14.31 31.82 -19.06
CA LEU B 83 -13.50 32.94 -19.55
C LEU B 83 -14.32 33.94 -20.36
N GLU B 84 -15.35 33.46 -21.04
CA GLU B 84 -16.27 34.33 -21.77
C GLU B 84 -17.33 34.89 -20.82
N TYR B 85 -17.52 34.19 -19.70
CA TYR B 85 -18.53 34.55 -18.70
C TYR B 85 -18.08 35.69 -17.79
N LEU B 86 -16.79 35.71 -17.46
CA LEU B 86 -16.24 36.77 -16.63
C LEU B 86 -15.77 37.94 -17.49
N GLY B 87 -15.66 37.70 -18.79
CA GLY B 87 -15.46 38.75 -19.79
C GLY B 87 -16.78 39.25 -20.35
N ASN B 88 -17.85 38.53 -20.00
CA ASN B 88 -19.22 38.93 -20.32
C ASN B 88 -19.61 40.21 -19.57
N PRO B 89 -19.91 41.28 -20.32
CA PRO B 89 -20.24 42.57 -19.71
C PRO B 89 -21.49 42.55 -18.81
N ALA B 90 -22.50 41.77 -19.20
CA ALA B 90 -23.79 41.72 -18.49
C ALA B 90 -23.65 41.35 -17.02
N ASN B 91 -23.02 40.21 -16.75
CA ASN B 91 -22.77 39.77 -15.38
C ASN B 91 -21.43 40.31 -14.87
N TYR B 92 -21.35 41.64 -14.73
CA TYR B 92 -20.13 42.29 -14.26
C TYR B 92 -19.94 42.21 -12.72
N PRO B 93 -20.97 42.58 -11.93
CA PRO B 93 -20.83 42.32 -10.50
C PRO B 93 -20.99 40.83 -10.17
N VAL B 94 -19.88 40.18 -9.80
CA VAL B 94 -19.87 38.73 -9.54
C VAL B 94 -19.23 38.35 -8.22
N SER B 95 -19.57 37.14 -7.75
CA SER B 95 -18.89 36.50 -6.63
C SER B 95 -18.11 35.29 -7.13
N ILE B 96 -16.83 35.23 -6.75
CA ILE B 96 -15.92 34.19 -7.23
C ILE B 96 -15.18 33.52 -6.07
N ARG B 97 -15.08 32.19 -6.13
CA ARG B 97 -14.34 31.40 -5.15
C ARG B 97 -13.00 30.93 -5.72
N PHE B 98 -11.90 31.43 -5.18
CA PHE B 98 -10.58 30.92 -5.53
C PHE B 98 -9.79 30.29 -4.38
N GLY B 99 -9.11 29.19 -4.70
CA GLY B 99 -8.20 28.52 -3.77
C GLY B 99 -7.11 27.77 -4.52
N ARG B 100 -6.13 27.25 -3.79
CA ARG B 100 -5.04 26.49 -4.38
C ARG B 100 -5.57 25.21 -5.03
N PRO B 101 -5.41 25.08 -6.37
CA PRO B 101 -5.99 23.95 -7.10
C PRO B 101 -5.35 22.64 -6.70
N ARG B 102 -6.03 21.54 -7.02
CA ARG B 102 -5.47 20.21 -6.82
C ARG B 102 -4.38 19.96 -7.86
N LEU B 103 -3.42 19.11 -7.51
CA LEU B 103 -2.30 18.81 -8.41
C LEU B 103 -2.75 18.01 -9.64
N THR B 104 -2.36 18.49 -10.82
CA THR B 104 -2.54 17.72 -12.05
C THR B 104 -1.66 16.48 -11.97
N SER B 105 -1.98 15.48 -12.78
CA SER B 105 -1.20 14.24 -12.81
C SER B 105 0.24 14.50 -13.23
N ASN B 106 0.42 15.37 -14.22
CA ASN B 106 1.74 15.85 -14.64
C ASN B 106 2.50 16.53 -13.49
N GLU B 107 1.79 17.30 -12.68
CA GLU B 107 2.40 17.97 -11.54
C GLU B 107 2.84 16.97 -10.49
N LYS B 108 2.01 15.96 -10.28
CA LYS B 108 2.31 14.87 -9.35
C LYS B 108 3.60 14.18 -9.79
N LEU B 109 3.69 13.87 -11.08
CA LEU B 109 4.89 13.27 -11.66
C LEU B 109 6.12 14.19 -11.54
N MET B 110 5.97 15.43 -12.00
CA MET B 110 7.02 16.44 -11.88
C MET B 110 7.56 16.50 -10.44
N LEU B 111 6.66 16.59 -9.47
CA LEU B 111 7.08 16.64 -8.07
C LEU B 111 7.80 15.38 -7.66
N ALA B 112 7.33 14.23 -8.14
CA ALA B 112 7.92 12.95 -7.79
C ALA B 112 9.32 12.79 -8.37
N SER B 113 9.55 13.39 -9.53
CA SER B 113 10.84 13.31 -10.20
C SER B 113 12.00 13.99 -9.44
N MET B 114 11.70 14.83 -8.46
CA MET B 114 12.78 15.44 -7.67
C MET B 114 13.39 14.52 -6.59
N PHE B 115 12.72 13.42 -6.29
CA PHE B 115 13.21 12.51 -5.26
C PHE B 115 13.85 11.27 -5.85
N HIS B 116 14.91 10.83 -5.18
CA HIS B 116 15.65 9.63 -5.53
C HIS B 116 16.18 9.63 -6.96
N SER B 117 16.34 10.81 -7.56
CA SER B 117 16.79 10.93 -8.94
C SER B 117 18.22 10.43 -9.13
N LEU B 118 19.04 10.53 -8.09
CA LEU B 118 20.46 10.19 -8.16
C LEU B 118 20.80 8.69 -8.09
N PHE B 119 20.72 8.12 -6.88
CA PHE B 119 21.15 6.75 -6.60
C PHE B 119 20.39 5.70 -7.41
N ALA B 120 21.15 4.79 -8.02
CA ALA B 120 20.62 3.74 -8.90
C ALA B 120 19.65 2.81 -8.16
N ILE B 121 18.78 2.16 -8.92
CA ILE B 121 17.81 1.21 -8.37
C ILE B 121 18.54 0.11 -7.59
N GLY B 122 18.43 0.17 -6.27
CA GLY B 122 19.05 -0.81 -5.37
C GLY B 122 20.35 -0.34 -4.73
N SER B 123 20.34 0.90 -4.23
CA SER B 123 21.54 1.51 -3.65
C SER B 123 21.84 1.00 -2.25
N SER B 131 18.59 4.25 4.67
CA SER B 131 18.13 3.26 5.64
C SER B 131 16.60 3.30 5.86
N SER B 132 15.90 4.18 5.12
CA SER B 132 14.45 4.32 5.22
C SER B 132 13.77 4.53 3.87
N GLY B 133 14.52 5.08 2.91
CA GLY B 133 14.05 5.27 1.56
C GLY B 133 13.05 6.41 1.40
N ILE B 134 12.96 7.27 2.41
CA ILE B 134 12.00 8.39 2.37
C ILE B 134 12.67 9.75 2.23
N GLU B 135 12.28 10.47 1.18
CA GLU B 135 12.74 11.84 0.95
C GLU B 135 11.55 12.77 0.95
N MET B 136 11.74 14.00 1.42
CA MET B 136 10.60 14.93 1.56
C MET B 136 10.86 16.39 1.28
N LEU B 137 9.78 17.05 0.83
CA LEU B 137 9.75 18.47 0.57
C LEU B 137 8.68 19.10 1.46
N GLU B 138 9.06 20.12 2.22
CA GLU B 138 8.15 20.73 3.17
C GLU B 138 8.01 22.24 2.93
N THR B 139 6.77 22.70 2.89
CA THR B 139 6.50 24.13 2.75
C THR B 139 5.61 24.57 3.89
N ASP B 140 5.03 25.76 3.77
CA ASP B 140 4.07 26.27 4.75
C ASP B 140 2.78 25.47 4.71
N THR B 141 2.39 25.08 3.50
CA THR B 141 1.04 24.62 3.22
C THR B 141 0.91 23.10 3.06
N PHE B 142 2.03 22.42 2.85
CA PHE B 142 2.01 20.97 2.67
C PHE B 142 3.37 20.34 2.94
N LYS B 143 3.38 19.03 3.16
CA LYS B 143 4.62 18.25 3.21
C LYS B 143 4.47 17.01 2.33
N LEU B 144 5.42 16.83 1.42
CA LEU B 144 5.36 15.73 0.46
C LEU B 144 6.38 14.66 0.84
N HIS B 145 5.91 13.42 0.97
CA HIS B 145 6.75 12.31 1.38
C HIS B 145 6.89 11.30 0.24
N CYS B 146 8.12 10.93 -0.08
CA CYS B 146 8.36 10.03 -1.21
C CYS B 146 9.22 8.84 -0.83
N TYR B 147 8.61 7.65 -0.88
CA TYR B 147 9.29 6.42 -0.52
C TYR B 147 9.60 5.65 -1.78
N GLN B 148 10.88 5.35 -1.96
CA GLN B 148 11.31 4.52 -3.06
C GLN B 148 11.68 3.13 -2.55
N THR B 149 11.06 2.13 -3.16
CA THR B 149 11.31 0.74 -2.83
C THR B 149 12.57 0.24 -3.51
N LEU B 150 12.92 -0.99 -3.18
CA LEU B 150 14.07 -1.68 -3.75
C LEU B 150 14.06 -1.64 -5.28
N THR B 151 12.87 -1.82 -5.87
CA THR B 151 12.76 -1.97 -7.32
C THR B 151 12.18 -0.72 -7.98
N GLY B 152 12.44 0.43 -7.38
CA GLY B 152 12.17 1.70 -8.03
C GLY B 152 10.74 2.21 -7.98
N ILE B 153 9.85 1.51 -7.29
CA ILE B 153 8.49 2.00 -7.16
C ILE B 153 8.51 3.17 -6.20
N LYS B 154 7.84 4.25 -6.57
CA LYS B 154 7.68 5.41 -5.67
C LYS B 154 6.26 5.50 -5.10
N PHE B 155 6.18 5.57 -3.78
CA PHE B 155 4.92 5.85 -3.12
C PHE B 155 5.01 7.27 -2.58
N VAL B 156 4.06 8.11 -2.97
CA VAL B 156 4.07 9.51 -2.57
C VAL B 156 2.82 9.85 -1.79
N VAL B 157 2.99 10.66 -0.73
CA VAL B 157 1.89 11.12 0.11
C VAL B 157 2.00 12.62 0.38
N LEU B 158 0.90 13.33 0.13
CA LEU B 158 0.82 14.76 0.38
C LEU B 158 -0.03 15.04 1.62
N ALA B 159 0.51 15.82 2.56
CA ALA B 159 -0.15 16.05 3.84
C ALA B 159 0.28 17.37 4.46
N ASP B 160 -0.54 17.96 5.34
CA ASP B 160 -0.14 19.17 6.04
C ASP B 160 1.15 18.93 6.85
N PRO B 161 2.03 19.96 6.94
CA PRO B 161 3.38 19.87 7.50
C PRO B 161 3.58 19.05 8.79
N ARG B 162 2.61 19.08 9.70
CA ARG B 162 2.80 18.48 11.02
C ARG B 162 2.02 17.18 11.23
N GLN B 163 1.67 16.51 10.13
CA GLN B 163 0.93 15.24 10.18
C GLN B 163 1.87 14.07 10.50
N ALA B 164 1.56 13.35 11.56
CA ALA B 164 2.37 12.21 11.99
C ALA B 164 1.97 10.92 11.26
N GLY B 165 2.88 9.94 11.29
CA GLY B 165 2.58 8.58 10.86
C GLY B 165 2.86 8.25 9.42
N ILE B 166 3.21 9.26 8.62
CA ILE B 166 3.35 9.09 7.18
C ILE B 166 4.36 8.00 6.79
N ASP B 167 5.49 7.97 7.50
CA ASP B 167 6.48 6.90 7.29
C ASP B 167 5.86 5.51 7.37
N SER B 168 5.10 5.25 8.44
CA SER B 168 4.46 3.97 8.63
C SER B 168 3.38 3.73 7.57
N LEU B 169 2.60 4.76 7.26
CA LEU B 169 1.60 4.68 6.19
C LEU B 169 2.22 4.23 4.87
N LEU B 170 3.31 4.87 4.46
CA LEU B 170 3.98 4.56 3.21
C LEU B 170 4.44 3.11 3.15
N ARG B 171 4.92 2.58 4.27
CA ARG B 171 5.35 1.19 4.32
C ARG B 171 4.15 0.27 4.17
N LYS B 172 3.03 0.67 4.75
CA LYS B 172 1.78 -0.10 4.71
C LYS B 172 1.22 -0.19 3.30
N ILE B 173 1.31 0.93 2.57
CA ILE B 173 0.82 0.95 1.19
C ILE B 173 1.64 -0.04 0.37
N TYR B 174 2.96 -0.01 0.59
CA TYR B 174 3.81 -1.01 -0.01
C TYR B 174 3.37 -2.43 0.39
N GLU B 175 3.03 -2.64 1.66
CA GLU B 175 2.58 -3.96 2.10
C GLU B 175 1.30 -4.35 1.37
N ILE B 176 0.38 -3.41 1.23
CA ILE B 176 -0.84 -3.63 0.47
C ILE B 176 -0.52 -3.89 -1.01
N TYR B 177 0.40 -3.09 -1.56
CA TYR B 177 0.78 -3.24 -2.95
C TYR B 177 1.35 -4.62 -3.24
N SER B 178 2.36 -5.02 -2.47
CA SER B 178 3.05 -6.27 -2.72
C SER B 178 2.13 -7.47 -2.54
N ASP B 179 1.24 -7.40 -1.56
CA ASP B 179 0.24 -8.46 -1.38
C ASP B 179 -0.73 -8.53 -2.57
N PHE B 180 -1.17 -7.37 -3.06
CA PHE B 180 -2.02 -7.32 -4.24
C PHE B 180 -1.37 -8.02 -5.43
N ALA B 181 -0.09 -7.70 -5.67
CA ALA B 181 0.66 -8.32 -6.76
C ALA B 181 0.72 -9.84 -6.59
N LEU B 182 0.95 -10.31 -5.38
CA LEU B 182 1.06 -11.75 -5.12
C LEU B 182 -0.26 -12.52 -5.31
N LYS B 183 -1.38 -11.89 -4.98
CA LYS B 183 -2.69 -12.52 -5.12
C LYS B 183 -3.28 -12.37 -6.51
N ASN B 184 -2.68 -11.50 -7.32
CA ASN B 184 -3.21 -11.20 -8.63
C ASN B 184 -2.20 -11.39 -9.76
N PRO B 185 -1.86 -12.65 -10.09
CA PRO B 185 -0.80 -12.92 -11.07
C PRO B 185 -1.00 -12.32 -12.46
N PHE B 186 -2.19 -11.80 -12.75
CA PHE B 186 -2.41 -11.14 -14.04
C PHE B 186 -1.66 -9.82 -14.02
N TYR B 187 -1.55 -9.23 -12.84
CA TYR B 187 -0.98 -7.91 -12.67
C TYR B 187 0.52 -7.89 -12.95
N SER B 188 0.93 -6.90 -13.74
CA SER B 188 2.32 -6.65 -14.02
C SER B 188 2.64 -5.25 -13.51
N LEU B 189 3.89 -5.03 -13.10
CA LEU B 189 4.23 -3.85 -12.30
C LEU B 189 4.11 -2.48 -13.01
N GLU B 190 4.20 -2.46 -14.34
CA GLU B 190 3.91 -1.22 -15.09
C GLU B 190 2.44 -0.83 -15.19
N MET B 191 1.54 -1.76 -14.82
CA MET B 191 0.10 -1.56 -15.03
C MET B 191 -0.50 -0.65 -13.97
N PRO B 192 -1.53 0.13 -14.34
CA PRO B 192 -2.34 0.86 -13.38
C PRO B 192 -3.02 -0.10 -12.43
N ILE B 193 -3.13 0.29 -11.16
CA ILE B 193 -3.78 -0.53 -10.16
C ILE B 193 -5.26 -0.24 -10.22
N ARG B 194 -6.05 -1.27 -10.55
CA ARG B 194 -7.51 -1.16 -10.59
C ARG B 194 -8.16 -2.37 -9.90
N CYS B 195 -8.20 -2.34 -8.57
CA CYS B 195 -8.69 -3.47 -7.79
C CYS B 195 -9.46 -2.98 -6.57
N GLU B 196 -10.67 -3.50 -6.39
CA GLU B 196 -11.54 -3.06 -5.28
C GLU B 196 -10.89 -3.24 -3.91
N LEU B 197 -10.29 -4.41 -3.68
CA LEU B 197 -9.69 -4.73 -2.38
C LEU B 197 -8.50 -3.85 -2.06
N PHE B 198 -7.82 -3.38 -3.10
CA PHE B 198 -6.74 -2.43 -2.94
C PHE B 198 -7.27 -1.12 -2.41
N ASP B 199 -8.30 -0.59 -3.08
CA ASP B 199 -8.93 0.65 -2.66
C ASP B 199 -9.43 0.57 -1.22
N GLN B 200 -10.03 -0.58 -0.88
CA GLN B 200 -10.52 -0.81 0.47
C GLN B 200 -9.39 -0.78 1.48
N ASN B 201 -8.32 -1.51 1.18
CA ASN B 201 -7.20 -1.65 2.11
C ASN B 201 -6.40 -0.37 2.30
N LEU B 202 -6.38 0.47 1.28
CA LEU B 202 -5.69 1.75 1.32
C LEU B 202 -6.51 2.76 2.15
N LYS B 203 -7.77 2.96 1.77
CA LYS B 203 -8.68 3.87 2.49
C LYS B 203 -8.69 3.58 3.98
N LEU B 204 -8.63 2.29 4.33
CA LEU B 204 -8.48 1.87 5.72
C LEU B 204 -7.13 2.28 6.32
N ALA B 205 -6.05 2.09 5.56
CA ALA B 205 -4.72 2.44 6.03
C ALA B 205 -4.59 3.96 6.24
N LEU B 206 -5.30 4.72 5.40
CA LEU B 206 -5.38 6.17 5.53
C LEU B 206 -6.13 6.54 6.80
N GLU B 207 -7.24 5.85 7.05
CA GLU B 207 -8.06 6.08 8.25
C GLU B 207 -7.24 5.90 9.52
N VAL B 208 -6.50 4.79 9.60
CA VAL B 208 -5.60 4.53 10.71
C VAL B 208 -4.57 5.65 10.88
N ALA B 209 -3.95 6.03 9.77
CA ALA B 209 -2.90 7.04 9.78
C ALA B 209 -3.40 8.43 10.17
N GLU B 210 -4.64 8.75 9.81
CA GLU B 210 -5.25 10.04 10.16
C GLU B 210 -5.34 10.23 11.68
N LYS B 211 -5.76 9.18 12.37
CA LYS B 211 -5.99 9.22 13.82
C LYS B 211 -4.67 9.22 14.61
#